data_4UCT
#
_entry.id   4UCT
#
_cell.length_a   138.210
_cell.length_b   138.210
_cell.length_c   56.022
_cell.angle_alpha   90.00
_cell.angle_beta   90.00
_cell.angle_gamma   90.00
#
_symmetry.space_group_name_H-M   'P 43 21 2'
#
loop_
_entity.id
_entity.type
_entity.pdbx_description
1 polymer 'DNA LIGASE'
2 non-polymer 1-(2,4-dimethylbenzyl)-6-oxo-1,6-dihydropyridine-3-carboxamide
3 non-polymer 2-amino-6-methyl-5-(propan-2-yloxy)-3H-[1,2,4]triazolo[1,5-a]pyrimidin-8-ium
4 water water
#
_entity_poly.entity_id   1
_entity_poly.type   'polypeptide(L)'
_entity_poly.pdbx_seq_one_letter_code
;MTNIQTQLDNLRKTLRQYEYEYHVLDNPSVPDSEYDRLFHQLKALELEHPEFLTSDSPTQRVGAKPLSGFSQIRHEIPML
SLDNAFSDAEFNAFVKRIEDRLILLPKPLTFCCEPKLDGLAVSILYVNGELTQAATRGDGTTGEDITANIRTIRNVPLQL
LTDNPPARLEVRGEVFMPHAGFERLNKYALEHNEKTFANPRNAAAGSLRQLDPNITSKRPLVLNAYGIGIAEGVDLPTTH
YARLQWLKSIGIPVNPEIRLCNGADEVLGFYRDIQNKRSSLGYDIDGTVLKINDIALQNELGFISKAPRWAIAYKFPAQE
ELTL
;
_entity_poly.pdbx_strand_id   A
#
# COMPACT_ATOMS: atom_id res chain seq x y z
N MET A 1 16.35 -31.43 -14.56
CA MET A 1 17.09 -30.38 -13.88
C MET A 1 18.32 -29.94 -14.68
N THR A 2 18.62 -28.64 -14.65
CA THR A 2 19.84 -28.09 -15.24
C THR A 2 20.46 -27.15 -14.28
N ASN A 3 21.77 -26.96 -14.42
CA ASN A 3 22.47 -26.05 -13.55
C ASN A 3 22.01 -24.61 -13.73
N ILE A 4 21.71 -24.18 -14.95
CA ILE A 4 21.30 -22.81 -15.14
C ILE A 4 19.86 -22.57 -14.58
N GLN A 5 18.92 -23.53 -14.68
CA GLN A 5 17.58 -23.38 -14.06
C GLN A 5 17.69 -23.23 -12.55
N THR A 6 18.56 -24.05 -11.92
CA THR A 6 18.83 -23.96 -10.50
C THR A 6 19.53 -22.64 -10.12
N GLN A 7 20.50 -22.16 -10.92
CA GLN A 7 21.15 -20.88 -10.61
C GLN A 7 20.10 -19.74 -10.66
N LEU A 8 19.23 -19.75 -11.69
CA LEU A 8 18.17 -18.75 -11.81
C LEU A 8 17.23 -18.80 -10.63
N ASP A 9 16.77 -19.99 -10.25
CA ASP A 9 15.85 -20.16 -9.12
C ASP A 9 16.48 -19.67 -7.83
N ASN A 10 17.77 -19.95 -7.61
CA ASN A 10 18.46 -19.53 -6.40
C ASN A 10 18.64 -17.99 -6.36
N LEU A 11 19.10 -17.39 -7.48
CA LEU A 11 19.27 -15.95 -7.55
C LEU A 11 17.95 -15.21 -7.28
N ARG A 12 16.85 -15.68 -7.90
CA ARG A 12 15.53 -15.06 -7.74
C ARG A 12 15.05 -15.09 -6.28
N LYS A 13 15.17 -16.24 -5.64
CA LYS A 13 14.79 -16.39 -4.24
C LYS A 13 15.64 -15.46 -3.36
N THR A 14 16.95 -15.45 -3.60
CA THR A 14 17.86 -14.61 -2.82
C THR A 14 17.53 -13.14 -2.96
N LEU A 15 17.27 -12.70 -4.20
CA LEU A 15 16.97 -11.30 -4.49
C LEU A 15 15.63 -10.83 -3.90
N ARG A 16 14.60 -11.67 -3.94
CA ARG A 16 13.29 -11.36 -3.36
C ARG A 16 13.40 -11.22 -1.85
N GLN A 17 14.22 -12.09 -1.23
CA GLN A 17 14.48 -12.05 0.21
C GLN A 17 15.23 -10.76 0.58
N TYR A 18 16.29 -10.40 -0.15
CA TYR A 18 16.99 -9.13 0.10
C TYR A 18 16.09 -7.89 -0.14
N GLU A 19 15.21 -7.93 -1.15
CA GLU A 19 14.28 -6.82 -1.39
C GLU A 19 13.30 -6.68 -0.22
N TYR A 20 12.88 -7.81 0.35
CA TYR A 20 12.05 -7.80 1.53
C TYR A 20 12.77 -7.18 2.71
N GLU A 21 13.98 -7.64 2.98
CA GLU A 21 14.78 -7.10 4.09
C GLU A 21 15.03 -5.60 3.90
N TYR A 22 15.37 -5.20 2.70
CA TYR A 22 15.63 -3.79 2.44
C TYR A 22 14.37 -2.89 2.48
N HIS A 23 13.33 -3.27 1.78
CA HIS A 23 12.13 -2.43 1.61
C HIS A 23 11.08 -2.55 2.72
N VAL A 24 10.81 -3.78 3.21
CA VAL A 24 9.77 -3.98 4.22
C VAL A 24 10.31 -3.93 5.62
N LEU A 25 11.40 -4.70 5.89
CA LEU A 25 11.99 -4.71 7.23
C LEU A 25 12.85 -3.51 7.52
N ASP A 26 13.37 -2.80 6.49
CA ASP A 26 14.32 -1.70 6.68
C ASP A 26 15.52 -2.22 7.49
N ASN A 27 15.99 -3.41 7.14
CA ASN A 27 17.08 -4.08 7.82
C ASN A 27 17.79 -5.00 6.83
N PRO A 28 18.48 -4.42 5.83
CA PRO A 28 19.14 -5.28 4.83
C PRO A 28 20.26 -6.14 5.41
N SER A 29 20.36 -7.41 5.03
CA SER A 29 21.41 -8.27 5.56
C SER A 29 22.74 -8.12 4.77
N VAL A 30 22.70 -7.50 3.58
CA VAL A 30 23.89 -7.30 2.76
C VAL A 30 23.95 -5.88 2.23
N PRO A 31 25.14 -5.41 1.81
CA PRO A 31 25.22 -4.07 1.20
C PRO A 31 24.48 -3.97 -0.15
N ASP A 32 24.18 -2.76 -0.55
CA ASP A 32 23.50 -2.48 -1.83
C ASP A 32 24.27 -3.07 -3.00
N SER A 33 25.61 -2.99 -2.96
CA SER A 33 26.49 -3.55 -4.01
C SER A 33 26.36 -5.04 -4.16
N GLU A 34 26.15 -5.77 -3.06
CA GLU A 34 26.00 -7.22 -3.12
C GLU A 34 24.70 -7.57 -3.82
N TYR A 35 23.60 -6.83 -3.45
CA TYR A 35 22.32 -6.98 -4.10
C TYR A 35 22.48 -6.73 -5.61
N ASP A 36 23.17 -5.65 -5.98
CA ASP A 36 23.33 -5.34 -7.39
C ASP A 36 24.15 -6.38 -8.15
N ARG A 37 25.24 -6.88 -7.55
CA ARG A 37 26.06 -7.94 -8.12
C ARG A 37 25.18 -9.11 -8.52
N LEU A 38 24.34 -9.59 -7.60
CA LEU A 38 23.45 -10.72 -7.90
C LEU A 38 22.35 -10.35 -8.88
N PHE A 39 21.85 -9.11 -8.80
CA PHE A 39 20.81 -8.66 -9.72
C PHE A 39 21.28 -8.69 -11.19
N HIS A 40 22.47 -8.14 -11.46
CA HIS A 40 22.95 -8.06 -12.83
C HIS A 40 23.48 -9.42 -13.32
N GLN A 41 23.88 -10.32 -12.40
CA GLN A 41 24.22 -11.70 -12.76
C GLN A 41 22.95 -12.45 -13.20
N LEU A 42 21.85 -12.28 -12.48
CA LEU A 42 20.57 -12.85 -12.86
C LEU A 42 20.15 -12.29 -14.20
N LYS A 43 20.21 -10.98 -14.36
CA LYS A 43 19.81 -10.34 -15.61
C LYS A 43 20.61 -10.88 -16.83
N ALA A 44 21.95 -10.97 -16.75
CA ALA A 44 22.78 -11.50 -17.85
C ALA A 44 22.45 -12.95 -18.17
N LEU A 45 22.29 -13.78 -17.13
CA LEU A 45 21.97 -15.20 -17.27
C LEU A 45 20.64 -15.43 -17.96
N GLU A 46 19.62 -14.65 -17.58
CA GLU A 46 18.32 -14.73 -18.22
C GLU A 46 18.39 -14.35 -19.68
N LEU A 47 19.20 -13.35 -20.03
CA LEU A 47 19.33 -12.90 -21.43
C LEU A 47 20.13 -13.92 -22.25
N GLU A 48 21.11 -14.57 -21.64
CA GLU A 48 21.89 -15.64 -22.29
C GLU A 48 21.06 -16.96 -22.45
N HIS A 49 20.02 -17.17 -21.64
CA HIS A 49 19.16 -18.36 -21.65
C HIS A 49 17.71 -17.91 -21.54
N PRO A 50 17.19 -17.25 -22.59
CA PRO A 50 15.82 -16.68 -22.53
C PRO A 50 14.64 -17.62 -22.37
N GLU A 51 14.82 -18.91 -22.68
CA GLU A 51 13.76 -19.90 -22.49
C GLU A 51 13.33 -19.95 -21.00
N PHE A 52 14.27 -19.66 -20.09
CA PHE A 52 14.03 -19.64 -18.65
C PHE A 52 13.63 -18.27 -18.05
N LEU A 53 13.39 -17.25 -18.87
CA LEU A 53 12.98 -15.95 -18.34
C LEU A 53 11.53 -16.01 -17.85
N THR A 54 11.22 -15.50 -16.62
CA THR A 54 9.86 -15.50 -16.06
C THR A 54 9.39 -14.07 -15.92
N SER A 55 8.09 -13.87 -16.08
CA SER A 55 7.44 -12.56 -16.08
C SER A 55 7.45 -11.85 -14.74
N ASP A 56 7.63 -12.60 -13.63
CA ASP A 56 7.67 -12.05 -12.28
C ASP A 56 9.08 -12.09 -11.69
N SER A 57 10.10 -12.27 -12.53
CA SER A 57 11.47 -12.26 -12.04
C SER A 57 11.84 -10.83 -11.58
N PRO A 58 12.71 -10.68 -10.56
CA PRO A 58 13.07 -9.32 -10.10
C PRO A 58 13.60 -8.34 -11.18
N THR A 59 14.13 -8.88 -12.27
CA THR A 59 14.65 -8.09 -13.38
C THR A 59 13.57 -7.61 -14.36
N GLN A 60 12.29 -8.01 -14.21
CA GLN A 60 11.26 -7.70 -15.20
C GLN A 60 10.24 -6.71 -14.73
N ARG A 61 10.63 -5.73 -13.90
CA ARG A 61 9.68 -4.75 -13.41
C ARG A 61 9.23 -3.75 -14.47
N VAL A 62 10.12 -3.40 -15.43
CA VAL A 62 9.87 -2.33 -16.40
C VAL A 62 9.59 -2.83 -17.79
N GLY A 63 8.41 -2.55 -18.32
CA GLY A 63 8.11 -2.84 -19.72
C GLY A 63 8.98 -1.98 -20.63
N ALA A 64 9.53 -2.57 -21.69
CA ALA A 64 10.40 -1.88 -22.66
C ALA A 64 9.63 -0.94 -23.60
N LYS A 65 8.29 -1.11 -23.69
CA LYS A 65 7.41 -0.35 -24.58
C LYS A 65 6.45 0.60 -23.84
N PRO A 66 6.45 1.91 -24.20
CA PRO A 66 5.41 2.81 -23.66
C PRO A 66 4.00 2.42 -24.13
N LEU A 67 3.01 2.49 -23.24
CA LEU A 67 1.61 2.18 -23.56
C LEU A 67 0.98 3.25 -24.49
N SER A 68 -0.09 2.84 -25.19
CA SER A 68 -0.87 3.73 -26.05
C SER A 68 -1.91 4.51 -25.22
N GLY A 69 -2.50 3.84 -24.21
CA GLY A 69 -3.49 4.43 -23.29
C GLY A 69 -3.81 3.55 -22.10
N PHE A 70 -4.68 4.04 -21.17
CA PHE A 70 -5.09 3.28 -19.96
C PHE A 70 -6.50 2.66 -20.10
N SER A 71 -6.61 1.34 -19.90
CA SER A 71 -7.90 0.65 -19.90
C SER A 71 -8.60 0.93 -18.57
N GLN A 72 -9.92 0.71 -18.48
CA GLN A 72 -10.66 0.91 -17.23
C GLN A 72 -10.86 -0.41 -16.51
N ILE A 73 -10.89 -0.36 -15.17
CA ILE A 73 -11.11 -1.53 -14.34
C ILE A 73 -12.27 -1.23 -13.39
N ARG A 74 -13.33 -2.04 -13.44
CA ARG A 74 -14.44 -1.90 -12.49
C ARG A 74 -14.02 -2.77 -11.30
N HIS A 75 -13.93 -2.17 -10.10
CA HIS A 75 -13.53 -2.94 -8.91
C HIS A 75 -14.60 -3.97 -8.58
N GLU A 76 -14.19 -5.17 -8.13
CA GLU A 76 -15.13 -6.21 -7.72
C GLU A 76 -15.74 -5.83 -6.39
N ILE A 77 -14.94 -5.23 -5.51
CA ILE A 77 -15.42 -4.75 -4.23
C ILE A 77 -15.19 -3.23 -4.28
N PRO A 78 -16.19 -2.39 -3.99
CA PRO A 78 -15.94 -0.93 -4.08
C PRO A 78 -14.89 -0.42 -3.09
N MET A 79 -14.10 0.56 -3.53
CA MET A 79 -13.11 1.23 -2.70
C MET A 79 -13.81 2.44 -2.04
N LEU A 80 -14.05 2.32 -0.75
CA LEU A 80 -14.77 3.31 0.03
C LEU A 80 -13.92 4.52 0.39
N SER A 81 -14.60 5.53 0.93
CA SER A 81 -14.00 6.78 1.38
C SER A 81 -13.93 6.78 2.91
N LEU A 82 -13.41 7.87 3.48
CA LEU A 82 -13.22 8.00 4.92
C LEU A 82 -13.90 9.24 5.43
N ASP A 83 -14.60 9.10 6.56
CA ASP A 83 -15.18 10.23 7.27
C ASP A 83 -13.97 10.99 7.88
N ASN A 84 -14.14 12.26 8.24
CA ASN A 84 -13.04 13.02 8.82
C ASN A 84 -13.47 13.81 10.06
N ALA A 85 -12.48 14.20 10.88
CA ALA A 85 -12.64 15.00 12.09
C ALA A 85 -11.54 16.03 12.12
N PHE A 86 -11.80 17.14 12.81
CA PHE A 86 -10.88 18.27 12.88
C PHE A 86 -10.63 18.76 14.30
N SER A 87 -11.06 17.99 15.30
CA SER A 87 -10.85 18.37 16.69
C SER A 87 -11.02 17.16 17.58
N ASP A 88 -10.58 17.30 18.84
CA ASP A 88 -10.70 16.28 19.89
C ASP A 88 -12.14 16.06 20.25
N ALA A 89 -12.93 17.16 20.42
CA ALA A 89 -14.36 17.05 20.75
C ALA A 89 -15.09 16.33 19.63
N GLU A 90 -14.76 16.65 18.36
CA GLU A 90 -15.38 15.94 17.23
C GLU A 90 -15.03 14.45 17.21
N PHE A 91 -13.76 14.09 17.49
CA PHE A 91 -13.34 12.68 17.55
C PHE A 91 -14.08 12.01 18.68
N ASN A 92 -14.08 12.66 19.83
CA ASN A 92 -14.81 12.15 21.00
C ASN A 92 -16.28 11.90 20.70
N ALA A 93 -16.95 12.78 19.88
CA ALA A 93 -18.37 12.58 19.48
C ALA A 93 -18.53 11.33 18.61
N PHE A 94 -17.63 11.13 17.65
CA PHE A 94 -17.59 9.92 16.81
C PHE A 94 -17.48 8.64 17.66
N VAL A 95 -16.63 8.66 18.70
CA VAL A 95 -16.47 7.51 19.60
C VAL A 95 -17.76 7.31 20.43
N LYS A 96 -18.28 8.41 21.05
CA LYS A 96 -19.53 8.37 21.85
C LYS A 96 -20.66 7.71 21.06
N ARG A 97 -20.75 8.04 19.78
CA ARG A 97 -21.73 7.49 18.87
C ARG A 97 -21.53 6.00 18.63
N ILE A 98 -20.29 5.53 18.42
CA ILE A 98 -20.03 4.10 18.25
C ILE A 98 -20.38 3.40 19.58
N GLU A 99 -19.99 3.99 20.72
CA GLU A 99 -20.30 3.41 22.03
C GLU A 99 -21.80 3.15 22.20
N ASP A 100 -22.67 4.13 21.81
CA ASP A 100 -24.12 3.91 21.92
C ASP A 100 -24.67 2.95 20.87
N ARG A 101 -24.23 3.10 19.64
CA ARG A 101 -24.71 2.29 18.54
C ARG A 101 -24.41 0.78 18.65
N LEU A 102 -23.31 0.39 19.33
CA LEU A 102 -22.96 -1.02 19.49
C LEU A 102 -23.88 -1.76 20.45
N ILE A 103 -24.23 -3.03 20.11
CA ILE A 103 -25.07 -3.90 20.96
C ILE A 103 -24.39 -4.03 22.32
N LEU A 104 -23.14 -4.52 22.31
CA LEU A 104 -22.33 -4.72 23.50
C LEU A 104 -20.97 -4.00 23.35
N LEU A 105 -20.76 -2.94 24.14
CA LEU A 105 -19.51 -2.16 24.11
C LEU A 105 -18.42 -2.89 24.92
N PRO A 106 -17.30 -3.31 24.29
CA PRO A 106 -16.25 -3.97 25.07
C PRO A 106 -15.39 -2.99 25.85
N LYS A 107 -14.81 -3.49 26.95
CA LYS A 107 -13.90 -2.77 27.83
C LYS A 107 -12.58 -3.53 27.69
N PRO A 108 -11.58 -3.00 26.95
CA PRO A 108 -11.51 -1.68 26.30
C PRO A 108 -12.01 -1.71 24.86
N LEU A 109 -12.18 -0.52 24.27
CA LEU A 109 -12.50 -0.39 22.85
C LEU A 109 -11.16 -0.05 22.18
N THR A 110 -10.61 -1.01 21.46
CA THR A 110 -9.30 -0.88 20.83
C THR A 110 -9.39 -0.36 19.39
N PHE A 111 -8.59 0.66 19.11
CA PHE A 111 -8.48 1.23 17.79
C PHE A 111 -7.10 0.88 17.21
N CYS A 112 -7.05 0.61 15.90
CA CYS A 112 -5.82 0.50 15.14
C CYS A 112 -5.62 1.91 14.57
N CYS A 113 -4.53 2.56 14.96
CA CYS A 113 -4.24 3.94 14.62
C CYS A 113 -3.07 4.00 13.68
N GLU A 114 -3.23 4.74 12.56
CA GLU A 114 -2.23 4.82 11.51
C GLU A 114 -2.02 6.25 11.07
N PRO A 115 -0.84 6.62 10.54
CA PRO A 115 -0.75 7.96 9.92
C PRO A 115 -1.52 7.93 8.58
N LYS A 116 -2.10 9.03 8.19
CA LYS A 116 -2.81 9.13 6.92
C LYS A 116 -1.80 9.63 5.91
N LEU A 117 -1.37 8.77 4.98
CA LEU A 117 -0.40 9.15 3.93
C LEU A 117 -1.08 10.11 2.95
N ASP A 118 -0.28 10.90 2.23
CA ASP A 118 -0.77 11.88 1.28
C ASP A 118 -0.32 11.50 -0.14
N GLY A 119 -0.95 10.45 -0.66
CA GLY A 119 -0.65 9.90 -1.97
C GLY A 119 -1.89 9.48 -2.74
N LEU A 120 -1.71 8.52 -3.68
CA LEU A 120 -2.76 8.01 -4.56
C LEU A 120 -3.22 6.62 -4.10
N ALA A 121 -4.52 6.43 -3.96
CA ALA A 121 -5.12 5.17 -3.51
C ALA A 121 -5.09 4.14 -4.65
N VAL A 122 -4.60 2.93 -4.36
CA VAL A 122 -4.48 1.86 -5.35
C VAL A 122 -4.98 0.50 -4.81
N SER A 123 -5.25 -0.40 -5.74
CA SER A 123 -5.70 -1.77 -5.51
C SER A 123 -4.80 -2.70 -6.30
N ILE A 124 -4.13 -3.67 -5.66
CA ILE A 124 -3.16 -4.54 -6.33
C ILE A 124 -3.60 -5.99 -6.14
N LEU A 125 -3.84 -6.70 -7.24
CA LEU A 125 -4.29 -8.09 -7.19
C LEU A 125 -3.16 -9.09 -7.39
N TYR A 126 -3.06 -10.03 -6.46
CA TYR A 126 -2.12 -11.14 -6.52
C TYR A 126 -2.94 -12.42 -6.74
N VAL A 127 -2.64 -13.19 -7.79
CA VAL A 127 -3.34 -14.46 -8.10
C VAL A 127 -2.38 -15.61 -7.88
N ASN A 128 -2.64 -16.46 -6.86
CA ASN A 128 -1.72 -17.53 -6.43
C ASN A 128 -0.31 -16.96 -6.19
N GLY A 129 -0.27 -15.82 -5.50
CA GLY A 129 0.97 -15.13 -5.14
C GLY A 129 1.59 -14.23 -6.19
N GLU A 130 1.09 -14.21 -7.41
CA GLU A 130 1.73 -13.44 -8.49
C GLU A 130 0.97 -12.14 -8.75
N LEU A 131 1.69 -11.00 -8.85
CA LEU A 131 1.09 -9.70 -9.16
C LEU A 131 0.58 -9.77 -10.60
N THR A 132 -0.74 -9.63 -10.80
CA THR A 132 -1.35 -9.72 -12.14
C THR A 132 -2.06 -8.45 -12.59
N GLN A 133 -2.58 -7.66 -11.68
CA GLN A 133 -3.34 -6.47 -12.05
C GLN A 133 -3.25 -5.39 -10.95
N ALA A 134 -3.27 -4.10 -11.34
CA ALA A 134 -3.29 -3.02 -10.37
C ALA A 134 -4.12 -1.87 -10.93
N ALA A 135 -4.93 -1.25 -10.08
CA ALA A 135 -5.78 -0.14 -10.50
C ALA A 135 -5.76 1.00 -9.53
N THR A 136 -6.04 2.20 -10.07
CA THR A 136 -6.22 3.39 -9.25
C THR A 136 -7.60 3.25 -8.63
N ARG A 137 -7.86 4.00 -7.57
CA ARG A 137 -9.18 4.00 -6.95
C ARG A 137 -10.23 4.60 -7.92
N GLY A 138 -9.88 5.69 -8.61
CA GLY A 138 -10.80 6.39 -9.49
C GLY A 138 -11.90 6.97 -8.63
N ASP A 139 -13.17 6.62 -8.93
CA ASP A 139 -14.34 7.09 -8.15
C ASP A 139 -14.78 6.12 -7.04
N GLY A 140 -14.03 5.04 -6.82
CA GLY A 140 -14.38 4.01 -5.84
C GLY A 140 -15.05 2.79 -6.45
N THR A 141 -15.56 2.93 -7.70
CA THR A 141 -16.26 1.88 -8.46
C THR A 141 -15.42 1.48 -9.66
N THR A 142 -14.95 2.46 -10.44
CA THR A 142 -14.14 2.25 -11.61
C THR A 142 -12.87 3.10 -11.52
N GLY A 143 -11.75 2.51 -11.94
CA GLY A 143 -10.46 3.16 -11.99
C GLY A 143 -9.71 2.78 -13.24
N GLU A 144 -8.45 3.19 -13.31
CA GLU A 144 -7.58 2.93 -14.46
C GLU A 144 -6.62 1.78 -14.16
N ASP A 145 -6.28 0.99 -15.20
CA ASP A 145 -5.31 -0.11 -15.12
C ASP A 145 -3.89 0.47 -15.14
N ILE A 146 -3.21 0.46 -13.98
CA ILE A 146 -1.84 0.97 -13.85
C ILE A 146 -0.86 -0.17 -13.46
N THR A 147 -1.12 -1.40 -13.95
CA THR A 147 -0.30 -2.58 -13.64
C THR A 147 1.14 -2.33 -14.02
N ALA A 148 1.38 -1.82 -15.24
CA ALA A 148 2.75 -1.63 -15.67
C ALA A 148 3.50 -0.59 -14.84
N ASN A 149 2.80 0.40 -14.33
CA ASN A 149 3.38 1.44 -13.48
C ASN A 149 3.63 0.93 -12.05
N ILE A 150 2.66 0.18 -11.49
CA ILE A 150 2.78 -0.38 -10.14
C ILE A 150 3.93 -1.36 -10.06
N ARG A 151 4.18 -2.10 -11.15
CA ARG A 151 5.25 -3.07 -11.18
C ARG A 151 6.61 -2.46 -11.04
N THR A 152 6.77 -1.16 -11.38
CA THR A 152 8.06 -0.47 -11.29
C THR A 152 8.45 -0.10 -9.87
N ILE A 153 7.47 -0.05 -8.97
CA ILE A 153 7.63 0.38 -7.57
C ILE A 153 8.48 -0.67 -6.85
N ARG A 154 9.68 -0.26 -6.41
CA ARG A 154 10.68 -1.15 -5.81
C ARG A 154 10.20 -1.95 -4.63
N ASN A 155 9.41 -1.36 -3.71
CA ASN A 155 8.90 -2.05 -2.53
C ASN A 155 7.62 -2.86 -2.79
N VAL A 156 7.12 -2.91 -4.02
CA VAL A 156 5.96 -3.71 -4.38
C VAL A 156 6.48 -5.08 -4.85
N PRO A 157 6.19 -6.19 -4.16
CA PRO A 157 6.68 -7.49 -4.62
C PRO A 157 5.91 -8.01 -5.84
N LEU A 158 6.61 -8.56 -6.82
CA LEU A 158 5.94 -9.14 -7.99
C LEU A 158 5.39 -10.52 -7.62
N GLN A 159 5.91 -11.08 -6.54
CA GLN A 159 5.47 -12.36 -6.02
C GLN A 159 5.34 -12.26 -4.50
N LEU A 160 4.25 -12.77 -3.92
CA LEU A 160 4.14 -12.81 -2.47
C LEU A 160 5.19 -13.76 -1.89
N LEU A 161 5.71 -13.41 -0.71
CA LEU A 161 6.76 -14.15 -0.02
C LEU A 161 6.17 -15.20 0.95
N THR A 162 5.62 -16.25 0.39
CA THR A 162 4.98 -17.35 1.11
C THR A 162 4.86 -18.52 0.17
N ASP A 163 4.98 -19.73 0.69
CA ASP A 163 4.82 -20.94 -0.12
C ASP A 163 3.37 -21.35 -0.25
N ASN A 164 2.46 -20.68 0.49
CA ASN A 164 1.05 -20.95 0.42
C ASN A 164 0.32 -19.64 0.32
N PRO A 165 0.45 -18.95 -0.83
CA PRO A 165 -0.26 -17.69 -1.00
C PRO A 165 -1.75 -17.92 -1.15
N PRO A 166 -2.63 -16.92 -0.87
CA PRO A 166 -4.06 -17.11 -1.14
C PRO A 166 -4.32 -17.31 -2.63
N ALA A 167 -5.51 -17.87 -2.97
CA ALA A 167 -5.93 -18.08 -4.36
C ALA A 167 -5.99 -16.70 -5.05
N ARG A 168 -6.58 -15.73 -4.35
CA ARG A 168 -6.61 -14.35 -4.79
C ARG A 168 -6.50 -13.43 -3.57
N LEU A 169 -5.68 -12.40 -3.69
CA LEU A 169 -5.51 -11.40 -2.63
C LEU A 169 -5.35 -10.02 -3.26
N GLU A 170 -6.23 -9.11 -2.90
CA GLU A 170 -6.17 -7.74 -3.36
C GLU A 170 -5.68 -6.88 -2.22
N VAL A 171 -4.58 -6.22 -2.44
CA VAL A 171 -3.96 -5.34 -1.44
C VAL A 171 -4.39 -3.89 -1.74
N ARG A 172 -4.83 -3.17 -0.72
CA ARG A 172 -5.23 -1.77 -0.86
C ARG A 172 -4.30 -0.89 -0.05
N GLY A 173 -3.91 0.20 -0.65
CA GLY A 173 -2.98 1.11 0.00
C GLY A 173 -2.75 2.37 -0.77
N GLU A 174 -1.73 3.11 -0.35
CA GLU A 174 -1.38 4.38 -0.94
C GLU A 174 0.04 4.39 -1.52
N VAL A 175 0.17 4.93 -2.73
CA VAL A 175 1.44 5.16 -3.37
C VAL A 175 1.81 6.63 -3.09
N PHE A 176 2.99 6.86 -2.54
CA PHE A 176 3.46 8.20 -2.24
C PHE A 176 4.94 8.34 -2.60
N MET A 177 5.40 9.57 -2.55
CA MET A 177 6.77 9.91 -2.88
C MET A 177 7.38 10.52 -1.65
N PRO A 178 8.34 9.88 -0.98
CA PRO A 178 9.01 10.53 0.16
C PRO A 178 9.69 11.87 -0.20
N HIS A 179 9.93 12.68 0.82
CA HIS A 179 10.62 13.96 0.70
C HIS A 179 11.93 13.95 -0.06
N ALA A 180 12.86 13.06 0.32
CA ALA A 180 14.17 12.99 -0.33
C ALA A 180 14.06 12.81 -1.84
N GLY A 181 13.26 11.84 -2.27
CA GLY A 181 13.00 11.59 -3.69
C GLY A 181 12.34 12.76 -4.38
N PHE A 182 11.39 13.39 -3.71
CA PHE A 182 10.68 14.54 -4.25
C PHE A 182 11.64 15.72 -4.49
N GLU A 183 12.49 16.01 -3.51
CA GLU A 183 13.50 17.09 -3.64
C GLU A 183 14.49 16.78 -4.79
N ARG A 184 14.99 15.53 -4.86
CA ARG A 184 15.87 15.09 -5.98
C ARG A 184 15.19 15.23 -7.36
N LEU A 185 13.93 14.80 -7.47
CA LEU A 185 13.18 14.89 -8.73
C LEU A 185 13.04 16.34 -9.20
N ASN A 186 12.69 17.24 -8.28
CA ASN A 186 12.51 18.66 -8.63
C ASN A 186 13.85 19.31 -9.02
N LYS A 187 14.96 18.96 -8.37
CA LYS A 187 16.30 19.44 -8.69
C LYS A 187 16.68 18.96 -10.10
N TYR A 188 16.43 17.65 -10.39
CA TYR A 188 16.66 17.04 -11.69
C TYR A 188 15.83 17.75 -12.76
N ALA A 189 14.52 17.95 -12.52
CA ALA A 189 13.64 18.64 -13.48
C ALA A 189 14.11 20.07 -13.75
N LEU A 190 14.71 20.74 -12.75
CA LEU A 190 15.23 22.11 -12.89
C LEU A 190 16.53 22.09 -13.72
N GLU A 191 17.44 21.13 -13.39
CA GLU A 191 18.73 20.93 -14.08
C GLU A 191 18.58 20.42 -15.53
N HIS A 192 17.40 19.87 -15.90
CA HIS A 192 17.10 19.36 -17.24
C HIS A 192 15.78 20.01 -17.73
N ASN A 193 15.68 21.37 -17.60
CA ASN A 193 14.51 22.20 -17.97
C ASN A 193 13.22 21.40 -18.23
N GLU A 194 12.54 21.00 -17.15
CA GLU A 194 11.30 20.23 -17.23
C GLU A 194 10.32 20.71 -16.17
N LYS A 195 9.11 20.11 -16.17
CA LYS A 195 8.05 20.48 -15.23
C LYS A 195 8.38 20.05 -13.80
N THR A 196 8.41 21.03 -12.85
CA THR A 196 8.60 20.76 -11.43
C THR A 196 7.22 20.49 -10.80
N PHE A 197 7.20 19.82 -9.65
CA PHE A 197 5.95 19.49 -8.94
C PHE A 197 5.82 20.31 -7.69
N ALA A 198 4.61 20.79 -7.39
CA ALA A 198 4.34 21.63 -6.25
C ALA A 198 4.45 20.92 -4.93
N ASN A 199 4.17 19.61 -4.90
CA ASN A 199 4.20 18.85 -3.67
C ASN A 199 4.33 17.35 -3.98
N PRO A 200 4.73 16.55 -2.96
CA PRO A 200 4.90 15.11 -3.20
C PRO A 200 3.65 14.39 -3.71
N ARG A 201 2.44 14.80 -3.29
CA ARG A 201 1.17 14.19 -3.74
C ARG A 201 1.00 14.36 -5.24
N ASN A 202 1.26 15.57 -5.76
CA ASN A 202 1.20 15.84 -7.21
C ASN A 202 2.26 15.05 -7.95
N ALA A 203 3.48 14.93 -7.38
CA ALA A 203 4.55 14.17 -8.03
C ALA A 203 4.17 12.68 -8.13
N ALA A 204 3.55 12.11 -7.10
CA ALA A 204 3.16 10.70 -7.14
C ALA A 204 2.04 10.45 -8.19
N ALA A 205 1.00 11.30 -8.22
CA ALA A 205 -0.14 11.21 -9.15
C ALA A 205 0.32 11.35 -10.59
N GLY A 206 1.14 12.34 -10.85
CA GLY A 206 1.72 12.54 -12.16
C GLY A 206 2.57 11.39 -12.60
N SER A 207 3.33 10.78 -11.67
CA SER A 207 4.21 9.64 -12.01
C SER A 207 3.39 8.40 -12.39
N LEU A 208 2.29 8.13 -11.67
CA LEU A 208 1.41 7.00 -11.94
C LEU A 208 0.53 7.14 -13.18
N ARG A 209 0.35 8.36 -13.72
CA ARG A 209 -0.40 8.53 -14.96
C ARG A 209 0.56 8.60 -16.19
N GLN A 210 1.84 8.25 -16.02
CA GLN A 210 2.79 8.15 -17.14
C GLN A 210 2.49 6.87 -17.91
N LEU A 211 2.37 6.96 -19.24
CA LEU A 211 2.11 5.79 -20.09
C LEU A 211 3.40 4.99 -20.36
N ASP A 212 4.58 5.59 -20.12
CA ASP A 212 5.85 4.92 -20.29
C ASP A 212 6.34 4.44 -18.89
N PRO A 213 6.30 3.10 -18.61
CA PRO A 213 6.77 2.61 -17.29
C PRO A 213 8.24 2.94 -17.02
N ASN A 214 9.03 3.16 -18.09
CA ASN A 214 10.41 3.55 -18.01
C ASN A 214 10.59 4.90 -17.32
N ILE A 215 9.58 5.78 -17.40
CA ILE A 215 9.58 7.07 -16.72
C ILE A 215 9.15 6.85 -15.26
N THR A 216 8.06 6.09 -15.04
CA THR A 216 7.57 5.72 -13.69
C THR A 216 8.68 5.10 -12.85
N SER A 217 9.46 4.17 -13.44
CA SER A 217 10.59 3.50 -12.80
C SER A 217 11.64 4.49 -12.27
N LYS A 218 11.86 5.60 -12.97
CA LYS A 218 12.79 6.64 -12.52
C LYS A 218 12.19 7.53 -11.41
N ARG A 219 10.88 7.40 -11.10
CA ARG A 219 10.24 8.17 -10.06
C ARG A 219 10.34 7.40 -8.75
N PRO A 220 10.82 8.07 -7.69
CA PRO A 220 11.01 7.38 -6.40
C PRO A 220 9.68 7.13 -5.64
N LEU A 221 8.90 6.18 -6.12
CA LEU A 221 7.60 5.84 -5.53
C LEU A 221 7.68 4.71 -4.53
N VAL A 222 6.80 4.78 -3.51
CA VAL A 222 6.70 3.80 -2.43
C VAL A 222 5.22 3.48 -2.19
N LEU A 223 4.92 2.21 -1.88
CA LEU A 223 3.60 1.76 -1.45
C LEU A 223 3.59 1.57 0.05
N ASN A 224 2.49 1.98 0.70
CA ASN A 224 2.20 1.56 2.09
C ASN A 224 0.78 0.96 2.01
N ALA A 225 0.65 -0.35 2.31
CA ALA A 225 -0.62 -1.08 2.28
C ALA A 225 -1.41 -0.81 3.55
N TYR A 226 -2.71 -0.50 3.43
CA TYR A 226 -3.56 -0.23 4.62
C TYR A 226 -4.82 -1.09 4.71
N GLY A 227 -5.06 -1.91 3.71
CA GLY A 227 -6.26 -2.74 3.72
C GLY A 227 -6.24 -3.90 2.75
N ILE A 228 -7.31 -4.70 2.82
CA ILE A 228 -7.51 -5.85 1.95
C ILE A 228 -8.86 -5.73 1.25
N GLY A 229 -8.90 -6.09 -0.03
CA GLY A 229 -10.13 -6.15 -0.82
C GLY A 229 -10.57 -7.60 -0.92
N ILE A 230 -10.40 -8.18 -2.10
CA ILE A 230 -10.64 -9.61 -2.35
C ILE A 230 -9.63 -10.43 -1.51
N ALA A 231 -10.12 -11.50 -0.85
CA ALA A 231 -9.32 -12.45 -0.09
C ALA A 231 -9.94 -13.84 -0.18
N GLU A 232 -9.51 -14.62 -1.17
CA GLU A 232 -10.02 -15.97 -1.44
C GLU A 232 -8.91 -16.97 -1.20
N GLY A 233 -9.24 -18.07 -0.51
CA GLY A 233 -8.32 -19.12 -0.18
C GLY A 233 -7.47 -18.81 1.02
N VAL A 234 -8.05 -18.08 1.99
CA VAL A 234 -7.34 -17.70 3.20
C VAL A 234 -8.31 -17.30 4.30
N ASP A 235 -7.92 -17.58 5.55
CA ASP A 235 -8.63 -17.17 6.74
C ASP A 235 -7.89 -15.96 7.27
N LEU A 236 -8.38 -14.78 6.89
CA LEU A 236 -7.77 -13.53 7.30
C LEU A 236 -7.89 -13.33 8.79
N PRO A 237 -6.88 -12.71 9.46
CA PRO A 237 -7.03 -12.40 10.89
C PRO A 237 -8.33 -11.63 11.23
N THR A 238 -8.79 -11.75 12.50
CA THR A 238 -10.05 -11.14 12.99
C THR A 238 -9.89 -9.75 13.61
N THR A 239 -8.69 -9.16 13.48
CA THR A 239 -8.44 -7.79 13.87
C THR A 239 -7.72 -7.13 12.68
N HIS A 240 -7.90 -5.83 12.55
CA HIS A 240 -7.32 -5.09 11.44
C HIS A 240 -5.75 -5.09 11.53
N TYR A 241 -5.20 -4.86 12.74
CA TYR A 241 -3.75 -4.83 12.97
C TYR A 241 -3.11 -6.17 12.60
N ALA A 242 -3.75 -7.29 13.00
CA ALA A 242 -3.24 -8.61 12.69
C ALA A 242 -3.27 -8.85 11.20
N ARG A 243 -4.26 -8.31 10.47
CA ARG A 243 -4.27 -8.43 9.01
C ARG A 243 -3.08 -7.67 8.40
N LEU A 244 -2.75 -6.50 8.95
CA LEU A 244 -1.61 -5.72 8.48
C LEU A 244 -0.27 -6.40 8.81
N GLN A 245 -0.17 -7.02 9.98
CA GLN A 245 1.01 -7.80 10.37
C GLN A 245 1.15 -9.00 9.43
N TRP A 246 0.01 -9.60 9.01
CA TRP A 246 0.01 -10.73 8.10
C TRP A 246 0.48 -10.33 6.69
N LEU A 247 0.05 -9.18 6.19
CA LEU A 247 0.51 -8.65 4.90
C LEU A 247 2.05 -8.42 4.98
N LYS A 248 2.51 -7.78 6.07
CA LYS A 248 3.94 -7.54 6.27
C LYS A 248 4.72 -8.90 6.27
N SER A 249 4.17 -9.94 6.93
CA SER A 249 4.81 -11.26 7.02
C SER A 249 4.88 -12.01 5.66
N ILE A 250 4.06 -11.64 4.65
CA ILE A 250 4.07 -12.30 3.34
C ILE A 250 4.69 -11.41 2.24
N GLY A 251 5.38 -10.33 2.63
CA GLY A 251 6.12 -9.48 1.70
C GLY A 251 5.57 -8.12 1.34
N ILE A 252 4.47 -7.70 1.92
CA ILE A 252 3.83 -6.44 1.55
C ILE A 252 4.24 -5.32 2.53
N PRO A 253 4.69 -4.17 1.99
CA PRO A 253 5.05 -3.04 2.85
C PRO A 253 3.87 -2.39 3.57
N VAL A 254 4.04 -2.14 4.86
CA VAL A 254 3.07 -1.55 5.75
C VAL A 254 3.79 -0.45 6.53
N ASN A 255 3.07 0.60 6.91
CA ASN A 255 3.70 1.71 7.65
C ASN A 255 4.18 1.26 9.04
N PRO A 256 5.43 1.56 9.46
CA PRO A 256 5.89 1.15 10.81
C PRO A 256 5.36 1.97 12.00
N GLU A 257 4.66 3.09 11.74
CA GLU A 257 4.11 3.95 12.78
C GLU A 257 2.74 3.53 13.32
N ILE A 258 2.18 2.43 12.80
CA ILE A 258 0.89 1.93 13.22
C ILE A 258 0.94 1.37 14.65
N ARG A 259 -0.08 1.71 15.48
CA ARG A 259 -0.21 1.25 16.86
C ARG A 259 -1.65 0.85 17.21
N LEU A 260 -1.78 0.11 18.32
CA LEU A 260 -3.06 -0.21 18.93
C LEU A 260 -3.21 0.77 20.10
N CYS A 261 -4.42 1.37 20.25
CA CYS A 261 -4.75 2.29 21.33
C CYS A 261 -6.11 1.91 21.92
N ASN A 262 -6.17 1.82 23.26
CA ASN A 262 -7.38 1.46 24.00
C ASN A 262 -8.10 2.72 24.47
N GLY A 263 -9.22 3.04 23.83
CA GLY A 263 -10.03 4.17 24.22
C GLY A 263 -9.58 5.48 23.63
N ALA A 264 -10.52 6.44 23.62
CA ALA A 264 -10.33 7.76 23.03
C ALA A 264 -9.12 8.54 23.52
N ASP A 265 -8.82 8.51 24.83
CA ASP A 265 -7.71 9.30 25.39
C ASP A 265 -6.33 8.81 24.95
N GLU A 266 -6.16 7.49 24.80
CA GLU A 266 -4.91 6.91 24.28
C GLU A 266 -4.75 7.28 22.79
N VAL A 267 -5.86 7.20 22.02
CA VAL A 267 -5.93 7.52 20.59
C VAL A 267 -5.52 8.98 20.37
N LEU A 268 -5.97 9.85 21.25
CA LEU A 268 -5.59 11.26 21.16
C LEU A 268 -4.11 11.45 21.49
N GLY A 269 -3.56 10.61 22.38
CA GLY A 269 -2.13 10.59 22.64
C GLY A 269 -1.36 10.22 21.39
N PHE A 270 -1.82 9.18 20.67
CA PHE A 270 -1.26 8.78 19.37
C PHE A 270 -1.31 9.92 18.37
N TYR A 271 -2.49 10.52 18.21
CA TYR A 271 -2.66 11.68 17.32
C TYR A 271 -1.64 12.78 17.63
N ARG A 272 -1.44 13.07 18.92
CA ARG A 272 -0.49 14.10 19.35
C ARG A 272 0.96 13.67 19.07
N ASP A 273 1.29 12.41 19.39
CA ASP A 273 2.63 11.86 19.13
C ASP A 273 2.98 11.97 17.63
N ILE A 274 2.06 11.51 16.75
CA ILE A 274 2.24 11.58 15.29
C ILE A 274 2.34 13.05 14.85
N GLN A 275 1.53 13.95 15.46
CA GLN A 275 1.57 15.37 15.12
C GLN A 275 2.96 16.01 15.43
N ASN A 276 3.61 15.60 16.54
CA ASN A 276 4.93 16.11 16.90
C ASN A 276 6.02 15.46 15.99
N LYS A 277 5.87 14.15 15.69
CA LYS A 277 6.71 13.38 14.75
C LYS A 277 6.68 13.90 13.29
N ARG A 278 5.62 14.62 12.85
CA ARG A 278 5.44 15.11 11.46
C ARG A 278 6.72 15.62 10.81
N SER A 279 7.43 16.50 11.51
CA SER A 279 8.68 17.14 11.09
C SER A 279 9.87 16.17 10.89
N SER A 280 9.78 14.93 11.36
CA SER A 280 10.85 13.96 11.31
C SER A 280 10.54 12.67 10.51
N LEU A 281 9.36 12.54 9.87
CA LEU A 281 9.00 11.30 9.16
C LEU A 281 9.68 11.10 7.80
N GLY A 282 9.88 12.16 7.05
CA GLY A 282 10.47 12.04 5.71
C GLY A 282 9.50 11.79 4.58
N TYR A 283 8.22 11.96 4.84
CA TYR A 283 7.16 11.85 3.83
C TYR A 283 5.98 12.62 4.42
N ASP A 284 4.99 12.99 3.60
CA ASP A 284 3.84 13.77 4.03
C ASP A 284 2.72 12.93 4.59
N ILE A 285 2.09 13.45 5.65
CA ILE A 285 0.88 12.86 6.27
C ILE A 285 -0.14 14.02 6.52
N ASP A 286 -1.43 13.79 6.27
CA ASP A 286 -2.52 14.79 6.46
C ASP A 286 -3.12 14.75 7.88
N GLY A 287 -2.93 13.63 8.55
CA GLY A 287 -3.51 13.35 9.85
C GLY A 287 -3.28 11.92 10.23
N THR A 288 -4.24 11.34 10.95
CA THR A 288 -4.19 9.96 11.40
C THR A 288 -5.53 9.28 11.06
N VAL A 289 -5.50 8.02 10.66
CA VAL A 289 -6.67 7.19 10.42
C VAL A 289 -6.85 6.30 11.66
N LEU A 290 -7.98 6.43 12.35
CA LEU A 290 -8.31 5.69 13.56
C LEU A 290 -9.43 4.74 13.22
N LYS A 291 -9.19 3.42 13.37
CA LYS A 291 -10.13 2.40 12.97
C LYS A 291 -10.44 1.48 14.13
N ILE A 292 -11.69 0.99 14.20
CA ILE A 292 -12.09 0.00 15.20
C ILE A 292 -11.29 -1.24 14.84
N ASN A 293 -10.50 -1.77 15.78
CA ASN A 293 -9.62 -2.89 15.47
C ASN A 293 -10.36 -4.21 15.28
N ASP A 294 -11.36 -4.52 16.12
CA ASP A 294 -12.08 -5.79 15.94
C ASP A 294 -12.96 -5.83 14.66
N ILE A 295 -12.71 -6.80 13.78
CA ILE A 295 -13.44 -6.94 12.50
C ILE A 295 -14.95 -7.21 12.71
N ALA A 296 -15.32 -8.00 13.73
CA ALA A 296 -16.74 -8.26 14.01
C ALA A 296 -17.48 -6.96 14.41
N LEU A 297 -16.83 -6.07 15.19
CA LEU A 297 -17.40 -4.79 15.53
C LEU A 297 -17.51 -3.87 14.30
N GLN A 298 -16.53 -3.94 13.34
CA GLN A 298 -16.57 -3.18 12.10
C GLN A 298 -17.78 -3.62 11.27
N ASN A 299 -17.94 -4.94 11.14
CA ASN A 299 -19.02 -5.58 10.39
C ASN A 299 -20.41 -5.22 10.96
N GLU A 300 -20.50 -5.16 12.29
CA GLU A 300 -21.71 -4.79 13.00
C GLU A 300 -22.03 -3.31 12.73
N LEU A 301 -21.01 -2.44 12.81
CA LEU A 301 -21.17 -1.03 12.55
C LEU A 301 -21.48 -0.76 11.08
N GLY A 302 -20.89 -1.50 10.17
CA GLY A 302 -21.14 -1.33 8.75
C GLY A 302 -20.70 0.02 8.19
N PHE A 303 -21.31 0.39 7.07
CA PHE A 303 -20.99 1.64 6.37
C PHE A 303 -22.20 2.55 6.15
N ILE A 304 -21.91 3.81 5.90
CA ILE A 304 -22.88 4.87 5.60
C ILE A 304 -22.71 5.22 4.13
N SER A 305 -23.79 5.09 3.33
CA SER A 305 -23.75 5.46 1.89
C SER A 305 -23.63 6.96 1.75
N LYS A 306 -23.34 7.47 0.54
CA LYS A 306 -23.20 8.92 0.32
C LYS A 306 -24.44 9.66 0.90
N ALA A 307 -24.23 10.48 1.94
CA ALA A 307 -25.31 11.12 2.65
C ALA A 307 -24.91 12.48 3.21
N PRO A 308 -25.89 13.33 3.60
CA PRO A 308 -25.53 14.61 4.23
C PRO A 308 -25.04 14.45 5.66
N ARG A 309 -24.22 15.40 6.10
CA ARG A 309 -23.76 15.47 7.49
C ARG A 309 -24.76 16.30 8.29
N TRP A 310 -25.70 16.95 7.59
CA TRP A 310 -26.67 17.88 8.15
C TRP A 310 -28.06 17.26 8.39
N ALA A 311 -28.20 15.93 8.18
CA ALA A 311 -29.46 15.24 8.37
C ALA A 311 -29.26 13.88 8.97
N ILE A 312 -30.28 13.41 9.67
CA ILE A 312 -30.28 12.07 10.24
C ILE A 312 -31.72 11.58 10.41
N ALA A 313 -31.90 10.27 10.25
CA ALA A 313 -33.15 9.58 10.41
C ALA A 313 -33.14 8.91 11.76
N TYR A 314 -33.81 9.48 12.77
CA TYR A 314 -33.90 8.84 14.08
C TYR A 314 -35.05 7.86 13.93
N LYS A 315 -34.69 6.58 13.81
CA LYS A 315 -35.63 5.48 13.62
C LYS A 315 -36.27 5.03 14.94
N PHE A 316 -37.52 4.52 14.84
CA PHE A 316 -38.26 4.02 16.01
C PHE A 316 -37.84 2.57 16.30
N PRO A 317 -37.80 2.18 17.59
CA PRO A 317 -37.49 0.77 17.91
C PRO A 317 -38.70 -0.12 17.67
N ALA A 318 -38.46 -1.42 17.45
CA ALA A 318 -39.53 -2.41 17.25
C ALA A 318 -40.25 -2.69 18.57
#